data_6S68
#
_entry.id   6S68
#
_cell.length_a   54.410
_cell.length_b   75.130
_cell.length_c   100.410
_cell.angle_alpha   90.000
_cell.angle_beta   90.000
_cell.angle_gamma   90.000
#
_symmetry.space_group_name_H-M   'C 2 2 21'
#
loop_
_entity.id
_entity.type
_entity.pdbx_description
1 polymer 'Aequorea cf. australis fluorescent protein 2 (AausFP2)'
2 water water
#
_entity_poly.entity_id   1
_entity_poly.type   'polypeptide(L)'
_entity_poly.pdbx_seq_one_letter_code
;MACGALLFKGKIPFVVELEGDVNGEVFSVRGNGWGDGSTGKLEIKFVCTTGEVPLAWESLICSM(PIA)ALVFCKYPSNI
NDFFKSTMPRGYIQERKISYENDGTFDVRQEVTYENGALYNRVKFNGSGFRKDGNVLGKKLDLTSIGTCIYIMGNDEGTG
LKGVFNKAFKVIGGNRQIASHVQTQTPIGDGLVSIPDYHVMHNHIACSKDPSETRDHIIVKESLRAVDCNTEYM
;
_entity_poly.pdbx_strand_id   A
#
# COMPACT_ATOMS: atom_id res chain seq x y z
N LEU A 7 13.06 -11.51 11.27
CA LEU A 7 13.20 -11.61 9.79
C LEU A 7 13.37 -10.21 9.17
N PHE A 8 13.05 -9.15 9.92
CA PHE A 8 12.91 -7.77 9.38
C PHE A 8 13.92 -6.81 10.00
N LYS A 9 14.98 -7.35 10.61
CA LYS A 9 16.11 -6.53 11.12
C LYS A 9 17.12 -6.43 9.98
N GLY A 10 16.98 -5.44 9.10
CA GLY A 10 17.90 -5.24 7.96
C GLY A 10 17.17 -5.24 6.64
N LYS A 11 17.81 -4.73 5.59
CA LYS A 11 17.25 -4.72 4.23
C LYS A 11 16.96 -6.16 3.83
N ILE A 12 15.78 -6.41 3.29
CA ILE A 12 15.45 -7.70 2.60
C ILE A 12 14.75 -7.37 1.29
N PRO A 13 14.82 -8.31 0.33
CA PRO A 13 14.16 -8.11 -0.95
C PRO A 13 12.66 -7.92 -0.77
N PHE A 14 12.13 -6.99 -1.56
CA PHE A 14 10.70 -6.67 -1.64
C PHE A 14 10.30 -6.86 -3.10
N VAL A 15 9.37 -7.79 -3.35
CA VAL A 15 8.93 -8.18 -4.70
C VAL A 15 7.43 -7.97 -4.78
N VAL A 16 6.96 -7.28 -5.82
CA VAL A 16 5.51 -7.06 -6.01
C VAL A 16 5.07 -7.62 -7.36
N GLU A 17 3.92 -8.27 -7.34
CA GLU A 17 3.19 -8.76 -8.53
C GLU A 17 1.76 -8.26 -8.41
N LEU A 18 1.37 -7.38 -9.31
CA LEU A 18 -0.01 -6.87 -9.34
C LEU A 18 -0.59 -7.25 -10.68
N GLU A 19 -1.72 -7.96 -10.64
CA GLU A 19 -2.64 -8.15 -11.78
C GLU A 19 -3.78 -7.15 -11.59
N GLY A 20 -3.97 -6.27 -12.58
CA GLY A 20 -4.91 -5.14 -12.54
C GLY A 20 -6.04 -5.28 -13.56
N ASP A 21 -7.23 -4.81 -13.21
CA ASP A 21 -8.44 -4.83 -14.07
C ASP A 21 -9.28 -3.59 -13.72
N VAL A 22 -9.07 -2.48 -14.44
CA VAL A 22 -9.75 -1.19 -14.11
C VAL A 22 -10.65 -0.80 -15.28
N ASN A 23 -11.96 -0.67 -15.02
CA ASN A 23 -12.98 -0.42 -16.07
C ASN A 23 -12.68 -1.35 -17.24
N GLY A 24 -12.39 -2.61 -16.94
CA GLY A 24 -12.14 -3.68 -17.92
C GLY A 24 -10.84 -3.52 -18.68
N GLU A 25 -9.89 -2.70 -18.20
CA GLU A 25 -8.54 -2.63 -18.80
C GLU A 25 -7.60 -3.47 -17.93
N VAL A 26 -7.08 -4.56 -18.50
CA VAL A 26 -6.22 -5.56 -17.81
C VAL A 26 -4.77 -5.14 -18.05
N PHE A 27 -3.94 -5.25 -17.01
CA PHE A 27 -2.50 -4.91 -17.01
C PHE A 27 -1.81 -5.67 -15.87
N SER A 28 -0.51 -5.87 -15.99
CA SER A 28 0.34 -6.49 -14.96
C SER A 28 1.46 -5.52 -14.58
N VAL A 29 1.82 -5.47 -13.30
CA VAL A 29 2.99 -4.71 -12.77
C VAL A 29 3.88 -5.67 -11.96
N ARG A 30 5.19 -5.56 -12.15
CA ARG A 30 6.23 -6.24 -11.33
C ARG A 30 7.12 -5.16 -10.72
N GLY A 31 7.33 -5.23 -9.41
CA GLY A 31 8.26 -4.37 -8.66
C GLY A 31 9.33 -5.21 -7.99
N ASN A 32 10.58 -4.75 -8.05
CA ASN A 32 11.71 -5.29 -7.24
C ASN A 32 12.36 -4.14 -6.50
N GLY A 33 12.64 -4.36 -5.24
CA GLY A 33 13.40 -3.44 -4.40
C GLY A 33 13.70 -4.07 -3.07
N TRP A 34 13.71 -3.26 -2.04
CA TRP A 34 14.10 -3.68 -0.68
C TRP A 34 13.24 -2.91 0.32
N GLY A 35 13.00 -3.54 1.46
CA GLY A 35 12.36 -2.91 2.61
C GLY A 35 13.17 -3.20 3.84
N ASP A 36 13.16 -2.27 4.78
CA ASP A 36 13.87 -2.46 6.05
C ASP A 36 12.91 -2.19 7.20
N GLY A 37 12.46 -3.26 7.86
CA GLY A 37 11.43 -3.21 8.92
C GLY A 37 11.93 -2.54 10.20
N SER A 38 13.25 -2.46 10.41
CA SER A 38 13.86 -1.82 11.62
C SER A 38 14.01 -0.31 11.45
N THR A 39 14.13 0.19 10.21
CA THR A 39 14.22 1.66 9.96
C THR A 39 12.88 2.17 9.39
N GLY A 40 12.02 1.27 8.91
CA GLY A 40 10.75 1.64 8.26
C GLY A 40 10.94 2.31 6.91
N LYS A 41 11.96 1.92 6.14
CA LYS A 41 12.23 2.48 4.79
C LYS A 41 12.03 1.39 3.74
N LEU A 42 11.52 1.78 2.57
CA LEU A 42 11.63 0.85 1.42
C LEU A 42 11.82 1.66 0.13
N GLU A 43 12.45 1.02 -0.85
CA GLU A 43 12.66 1.55 -2.20
C GLU A 43 12.31 0.46 -3.19
N ILE A 44 11.50 0.80 -4.19
CA ILE A 44 11.09 -0.20 -5.21
C ILE A 44 10.77 0.53 -6.50
N LYS A 45 11.08 -0.14 -7.60
CA LYS A 45 10.79 0.30 -8.98
C LYS A 45 9.72 -0.64 -9.52
N PHE A 46 8.59 -0.09 -9.93
CA PHE A 46 7.46 -0.83 -10.53
C PHE A 46 7.55 -0.69 -12.05
N VAL A 47 7.41 -1.80 -12.76
CA VAL A 47 7.38 -1.83 -14.24
C VAL A 47 6.02 -2.39 -14.64
N CYS A 48 5.35 -1.76 -15.60
CA CYS A 48 4.19 -2.37 -16.29
C CYS A 48 4.73 -3.33 -17.35
N THR A 49 4.37 -4.60 -17.25
CA THR A 49 4.96 -5.68 -18.08
C THR A 49 4.09 -5.91 -19.31
N THR A 50 2.85 -5.41 -19.33
CA THR A 50 1.84 -5.62 -20.40
C THR A 50 1.78 -4.41 -21.33
N GLY A 51 2.63 -3.41 -21.12
CA GLY A 51 2.71 -2.21 -21.98
C GLY A 51 2.64 -0.95 -21.15
N GLU A 52 1.44 -0.40 -20.96
CA GLU A 52 1.30 0.84 -20.16
C GLU A 52 0.13 0.69 -19.20
N VAL A 53 0.27 1.28 -18.02
CA VAL A 53 -0.83 1.33 -17.02
C VAL A 53 -1.94 2.18 -17.63
N PRO A 54 -3.18 1.67 -17.70
CA PRO A 54 -4.29 2.42 -18.28
C PRO A 54 -4.89 3.42 -17.28
N LEU A 55 -4.14 3.80 -16.24
CA LEU A 55 -4.59 4.73 -15.17
C LEU A 55 -3.38 5.36 -14.48
N ALA A 56 -3.62 6.35 -13.63
CA ALA A 56 -2.63 7.01 -12.76
C ALA A 56 -1.82 5.96 -12.00
N TRP A 57 -0.51 5.93 -12.21
CA TRP A 57 0.40 5.14 -11.35
C TRP A 57 0.05 5.40 -9.89
N GLU A 58 -0.16 6.68 -9.55
CA GLU A 58 -0.35 7.10 -8.14
C GLU A 58 -1.46 6.26 -7.50
N SER A 59 -2.47 5.90 -8.30
CA SER A 59 -3.64 5.13 -7.83
C SER A 59 -3.24 3.71 -7.44
N LEU A 60 -2.05 3.25 -7.82
CA LEU A 60 -1.59 1.85 -7.57
C LEU A 60 -0.68 1.79 -6.34
N ILE A 61 -0.13 2.92 -5.91
CA ILE A 61 1.07 2.91 -5.04
C ILE A 61 0.73 2.23 -3.69
N CYS A 62 -0.34 2.62 -2.98
CA CYS A 62 -0.54 2.03 -1.63
C CYS A 62 -0.93 0.56 -1.76
N SER A 63 -1.49 0.12 -2.89
CA SER A 63 -1.83 -1.30 -3.11
C SER A 63 -0.53 -2.12 -3.28
N MET A 64 0.54 -1.50 -3.80
CA MET A 64 1.81 -2.17 -4.18
C MET A 64 2.83 -2.01 -3.06
N1 PIA A 65 2.69 -0.96 -2.16
CA1 PIA A 65 3.47 -0.74 -0.94
CB1 PIA A 65 4.64 0.15 -1.40
C1 PIA A 65 2.47 -0.17 -0.04
N2 PIA A 65 2.34 1.14 0.29
N3 PIA A 65 1.52 -0.92 0.57
C2 PIA A 65 0.77 -0.10 1.25
O2 PIA A 65 -0.24 -0.48 1.95
CA2 PIA A 65 1.27 1.25 1.11
CA3 PIA A 65 1.20 -2.32 0.48
C3 PIA A 65 2.04 -3.30 1.26
O3 PIA A 65 1.41 -4.38 1.38
CB2 PIA A 65 0.48 2.33 1.66
CG2 PIA A 65 0.95 3.71 1.79
CD1 PIA A 65 2.29 3.76 2.19
CD2 PIA A 65 0.17 4.88 1.59
CE1 PIA A 65 2.93 4.98 2.41
CE2 PIA A 65 0.85 6.10 1.80
CZ PIA A 65 2.19 6.14 2.21
OH PIA A 65 2.86 7.31 2.43
N ALA A 66 3.11 -2.80 1.85
CA ALA A 66 3.84 -3.80 2.66
C ALA A 66 4.08 -3.20 4.04
N LEU A 67 3.00 -3.02 4.81
CA LEU A 67 3.03 -2.27 6.09
C LEU A 67 3.81 -3.09 7.12
N VAL A 68 4.18 -4.32 6.78
CA VAL A 68 5.13 -5.18 7.54
C VAL A 68 6.48 -4.46 7.70
N PHE A 69 6.80 -3.51 6.83
CA PHE A 69 8.12 -2.83 6.81
C PHE A 69 8.08 -1.60 7.75
N CYS A 70 6.90 -1.28 8.27
CA CYS A 70 6.67 -0.18 9.25
C CYS A 70 7.59 -0.33 10.46
N LYS A 71 8.23 0.75 10.85
CA LYS A 71 9.08 0.80 12.07
C LYS A 71 8.15 0.89 13.28
N TYR A 72 8.04 -0.20 14.04
CA TYR A 72 7.11 -0.29 15.19
C TYR A 72 7.89 -0.05 16.47
N PRO A 73 7.37 0.78 17.39
CA PRO A 73 7.97 0.91 18.71
C PRO A 73 7.54 -0.32 19.51
N SER A 74 8.21 -0.55 20.63
CA SER A 74 8.10 -1.78 21.45
C SER A 74 6.82 -1.73 22.28
N ASN A 75 6.15 -0.57 22.33
CA ASN A 75 4.93 -0.40 23.16
C ASN A 75 3.66 -0.49 22.29
N ILE A 76 3.77 -0.84 21.01
CA ILE A 76 2.57 -1.13 20.17
C ILE A 76 2.75 -2.51 19.53
N ASN A 77 1.73 -3.35 19.61
CA ASN A 77 1.73 -4.70 18.99
C ASN A 77 1.86 -4.52 17.47
N ASP A 78 2.83 -5.20 16.89
CA ASP A 78 3.11 -5.17 15.45
C ASP A 78 2.45 -6.43 14.86
N PHE A 79 1.19 -6.29 14.45
CA PHE A 79 0.39 -7.37 13.85
C PHE A 79 1.14 -7.92 12.64
N PHE A 80 1.70 -7.03 11.83
CA PHE A 80 2.23 -7.38 10.49
C PHE A 80 3.41 -8.34 10.66
N LYS A 81 4.38 -8.01 11.51
CA LYS A 81 5.56 -8.88 11.71
C LYS A 81 5.15 -10.15 12.47
N SER A 82 4.18 -10.04 13.37
CA SER A 82 3.69 -11.20 14.19
C SER A 82 3.12 -12.29 13.27
N THR A 83 2.65 -11.96 12.06
CA THR A 83 2.06 -13.01 11.15
C THR A 83 3.10 -13.73 10.30
N MET A 84 4.37 -13.30 10.29
CA MET A 84 5.37 -13.81 9.33
C MET A 84 6.04 -15.04 9.94
N PRO A 85 6.53 -16.02 9.14
CA PRO A 85 6.57 -15.91 7.69
C PRO A 85 5.28 -16.19 6.90
N ARG A 86 4.27 -16.88 7.43
CA ARG A 86 3.06 -17.22 6.63
C ARG A 86 2.41 -15.93 6.09
N GLY A 87 2.29 -14.90 6.93
CA GLY A 87 1.89 -13.56 6.45
C GLY A 87 0.39 -13.32 6.59
N TYR A 88 -0.12 -12.35 5.86
CA TYR A 88 -1.50 -11.85 6.04
C TYR A 88 -2.15 -11.48 4.70
N ILE A 89 -3.46 -11.42 4.75
CA ILE A 89 -4.30 -10.86 3.66
CA ILE A 89 -4.29 -10.86 3.65
C ILE A 89 -4.51 -9.38 4.00
N GLN A 90 -4.36 -8.50 3.01
CA GLN A 90 -4.65 -7.05 3.15
C GLN A 90 -5.65 -6.72 2.07
N GLU A 91 -6.84 -6.28 2.47
CA GLU A 91 -7.96 -5.95 1.55
C GLU A 91 -8.40 -4.52 1.78
N ARG A 92 -8.72 -3.82 0.70
CA ARG A 92 -9.08 -2.40 0.74
C ARG A 92 -10.23 -2.17 -0.23
N LYS A 93 -11.15 -1.32 0.20
CA LYS A 93 -12.06 -0.57 -0.70
C LYS A 93 -11.53 0.87 -0.72
N ILE A 94 -11.19 1.37 -1.90
CA ILE A 94 -10.67 2.75 -2.08
C ILE A 94 -11.71 3.51 -2.90
N SER A 95 -12.29 4.57 -2.32
CA SER A 95 -13.36 5.38 -2.96
C SER A 95 -12.82 6.79 -3.25
N TYR A 96 -12.86 7.20 -4.51
CA TYR A 96 -12.35 8.50 -4.97
C TYR A 96 -13.51 9.49 -4.96
N GLU A 97 -13.33 10.65 -4.34
CA GLU A 97 -14.36 11.73 -4.41
C GLU A 97 -14.61 12.00 -5.90
N ASN A 98 -15.89 11.94 -6.30
CA ASN A 98 -16.40 12.26 -7.68
C ASN A 98 -15.87 11.26 -8.71
N ASP A 99 -15.42 10.08 -8.29
CA ASP A 99 -14.85 9.09 -9.25
C ASP A 99 -15.10 7.65 -8.75
N GLY A 100 -14.45 6.67 -9.36
CA GLY A 100 -14.73 5.26 -9.13
C GLY A 100 -14.19 4.72 -7.82
N THR A 101 -14.19 3.38 -7.72
CA THR A 101 -13.87 2.62 -6.50
C THR A 101 -12.92 1.49 -6.89
N PHE A 102 -11.85 1.28 -6.12
CA PHE A 102 -10.97 0.10 -6.24
C PHE A 102 -11.33 -0.93 -5.16
N ASP A 103 -11.39 -2.20 -5.57
CA ASP A 103 -11.45 -3.38 -4.68
C ASP A 103 -10.14 -4.15 -4.84
N VAL A 104 -9.40 -4.31 -3.74
CA VAL A 104 -7.98 -4.74 -3.77
C VAL A 104 -7.77 -5.85 -2.74
N ARG A 105 -7.20 -6.96 -3.17
CA ARG A 105 -6.87 -8.09 -2.28
C ARG A 105 -5.39 -8.40 -2.46
N GLN A 106 -4.65 -8.42 -1.36
CA GLN A 106 -3.19 -8.62 -1.35
C GLN A 106 -2.87 -9.85 -0.53
N GLU A 107 -1.89 -10.66 -0.95
CA GLU A 107 -1.27 -11.68 -0.08
C GLU A 107 0.15 -11.20 0.20
N VAL A 108 0.44 -10.96 1.47
CA VAL A 108 1.76 -10.45 1.92
C VAL A 108 2.43 -11.57 2.71
N THR A 109 3.43 -12.19 2.11
CA THR A 109 4.10 -13.41 2.62
C THR A 109 5.62 -13.24 2.57
N TYR A 110 6.31 -13.97 3.43
CA TYR A 110 7.79 -14.04 3.45
C TYR A 110 8.16 -15.41 2.87
N GLU A 111 8.83 -15.43 1.72
CA GLU A 111 9.19 -16.66 0.98
C GLU A 111 10.62 -16.54 0.47
N ASN A 112 11.47 -17.52 0.75
CA ASN A 112 12.84 -17.61 0.17
C ASN A 112 13.64 -16.34 0.51
N GLY A 113 13.55 -15.88 1.76
CA GLY A 113 14.26 -14.68 2.25
C GLY A 113 13.71 -13.37 1.70
N ALA A 114 12.54 -13.38 1.06
CA ALA A 114 12.00 -12.17 0.45
C ALA A 114 10.55 -11.93 0.88
N LEU A 115 10.17 -10.66 0.89
CA LEU A 115 8.81 -10.19 1.19
C LEU A 115 8.10 -9.98 -0.15
N TYR A 116 7.06 -10.79 -0.40
CA TYR A 116 6.22 -10.70 -1.61
C TYR A 116 4.93 -10.00 -1.23
N ASN A 117 4.56 -8.99 -2.02
CA ASN A 117 3.20 -8.42 -2.04
C ASN A 117 2.56 -8.88 -3.35
N ARG A 118 1.64 -9.85 -3.28
CA ARG A 118 0.88 -10.34 -4.47
C ARG A 118 -0.53 -9.76 -4.46
N VAL A 119 -0.87 -9.01 -5.51
CA VAL A 119 -2.00 -8.04 -5.47
C VAL A 119 -2.97 -8.36 -6.62
N LYS A 120 -4.26 -8.46 -6.29
CA LYS A 120 -5.37 -8.42 -7.27
C LYS A 120 -6.03 -7.05 -7.12
N PHE A 121 -5.92 -6.21 -8.15
CA PHE A 121 -6.31 -4.78 -8.14
C PHE A 121 -7.45 -4.59 -9.14
N ASN A 122 -8.67 -4.43 -8.64
CA ASN A 122 -9.87 -4.25 -9.50
CA ASN A 122 -9.88 -4.25 -9.49
C ASN A 122 -10.41 -2.84 -9.28
N GLY A 123 -10.85 -2.19 -10.35
CA GLY A 123 -11.47 -0.85 -10.30
C GLY A 123 -12.67 -0.82 -11.21
N SER A 124 -13.76 -0.20 -10.76
CA SER A 124 -14.96 0.02 -11.60
C SER A 124 -15.56 1.40 -11.31
N GLY A 125 -16.34 1.89 -12.26
CA GLY A 125 -17.10 3.15 -12.19
C GLY A 125 -16.21 4.36 -12.43
N PHE A 126 -14.99 4.19 -12.92
CA PHE A 126 -14.06 5.35 -13.09
C PHE A 126 -14.53 6.18 -14.29
N ARG A 127 -14.49 7.49 -14.13
CA ARG A 127 -15.00 8.47 -15.13
C ARG A 127 -13.96 8.75 -16.20
N LYS A 128 -14.42 8.81 -17.44
CA LYS A 128 -13.59 9.06 -18.64
C LYS A 128 -12.68 10.27 -18.44
N ASP A 129 -13.21 11.43 -18.07
CA ASP A 129 -12.38 12.67 -18.00
C ASP A 129 -11.96 12.90 -16.54
N GLY A 130 -11.87 11.83 -15.74
CA GLY A 130 -11.52 11.90 -14.32
C GLY A 130 -10.01 11.92 -14.16
N ASN A 131 -9.54 12.19 -12.95
CA ASN A 131 -8.08 12.28 -12.62
C ASN A 131 -7.40 10.90 -12.65
N VAL A 132 -8.15 9.83 -12.48
CA VAL A 132 -7.59 8.45 -12.38
C VAL A 132 -7.29 7.95 -13.80
N LEU A 133 -8.30 7.78 -14.65
CA LEU A 133 -8.10 7.36 -16.06
C LEU A 133 -7.37 8.47 -16.83
N GLY A 134 -7.58 9.73 -16.48
CA GLY A 134 -6.85 10.87 -17.10
C GLY A 134 -5.39 10.95 -16.67
N LYS A 135 -4.94 10.18 -15.67
CA LYS A 135 -3.53 10.23 -15.21
C LYS A 135 -3.15 11.68 -14.86
N LYS A 136 -3.90 12.31 -13.97
CA LYS A 136 -3.73 13.73 -13.56
C LYS A 136 -3.33 13.79 -12.09
N LEU A 137 -2.81 12.69 -11.53
CA LEU A 137 -2.45 12.60 -10.08
C LEU A 137 -0.92 12.64 -9.92
N ASP A 138 -0.46 13.07 -8.76
CA ASP A 138 0.99 13.23 -8.43
C ASP A 138 1.20 12.84 -6.96
N LEU A 139 2.24 12.03 -6.72
CA LEU A 139 2.77 11.72 -5.37
C LEU A 139 4.28 12.01 -5.37
N THR A 140 4.69 13.22 -5.71
CA THR A 140 6.14 13.60 -5.76
C THR A 140 6.74 13.52 -4.35
N SER A 141 6.07 14.11 -3.37
CA SER A 141 6.47 14.09 -1.95
C SER A 141 5.23 14.31 -1.08
N ILE A 142 4.73 13.27 -0.43
CA ILE A 142 3.44 13.40 0.28
C ILE A 142 3.44 12.54 1.54
N GLY A 143 2.93 13.12 2.61
CA GLY A 143 2.73 12.42 3.89
C GLY A 143 1.28 11.99 3.96
N THR A 144 1.04 10.81 4.52
CA THR A 144 -0.28 10.19 4.72
C THR A 144 -0.32 9.62 6.14
N CYS A 145 -1.45 9.75 6.82
CA CYS A 145 -1.62 9.17 8.17
C CYS A 145 -2.62 8.02 8.06
N ILE A 146 -2.23 6.82 8.45
CA ILE A 146 -3.10 5.61 8.36
C ILE A 146 -3.54 5.21 9.78
N TYR A 147 -4.83 4.98 9.99
CA TYR A 147 -5.35 4.52 11.29
C TYR A 147 -5.32 3.00 11.27
N ILE A 148 -4.70 2.43 12.31
CA ILE A 148 -4.54 0.97 12.51
C ILE A 148 -5.27 0.62 13.79
N MET A 149 -6.07 -0.44 13.81
CA MET A 149 -6.59 -0.94 15.09
C MET A 149 -6.99 -2.41 14.95
N GLY A 150 -7.22 -3.07 16.07
CA GLY A 150 -7.80 -4.42 16.13
C GLY A 150 -9.21 -4.43 15.57
N ASN A 151 -9.57 -5.46 14.83
CA ASN A 151 -10.99 -5.65 14.40
C ASN A 151 -11.79 -6.01 15.65
N ASP A 152 -13.12 -6.02 15.54
CA ASP A 152 -14.03 -6.15 16.71
C ASP A 152 -13.91 -7.55 17.33
N GLU A 153 -13.58 -8.56 16.51
CA GLU A 153 -13.43 -9.99 16.93
C GLU A 153 -12.05 -10.21 17.56
N GLY A 154 -11.07 -9.32 17.36
CA GLY A 154 -9.73 -9.47 17.94
C GLY A 154 -8.96 -10.62 17.29
N THR A 155 -9.22 -10.85 16.01
CA THR A 155 -8.57 -11.90 15.16
C THR A 155 -7.69 -11.24 14.09
N GLY A 156 -7.80 -9.93 13.91
CA GLY A 156 -7.14 -9.21 12.82
C GLY A 156 -7.25 -7.71 12.99
N LEU A 157 -6.95 -6.98 11.93
CA LEU A 157 -6.91 -5.49 11.91
CA LEU A 157 -6.92 -5.50 11.93
C LEU A 157 -8.05 -4.93 11.08
N LYS A 158 -8.44 -3.71 11.39
CA LYS A 158 -9.18 -2.81 10.48
C LYS A 158 -8.42 -1.49 10.47
N GLY A 159 -8.71 -0.67 9.49
CA GLY A 159 -8.03 0.62 9.33
C GLY A 159 -8.83 1.49 8.41
N VAL A 160 -8.47 2.75 8.40
CA VAL A 160 -9.10 3.77 7.55
C VAL A 160 -8.01 4.82 7.30
N PHE A 161 -8.06 5.43 6.14
CA PHE A 161 -7.25 6.63 5.87
C PHE A 161 -7.72 7.27 4.57
N ASN A 162 -7.33 8.53 4.46
CA ASN A 162 -7.46 9.37 3.25
C ASN A 162 -6.06 9.53 2.66
N LYS A 163 -5.95 9.59 1.34
CA LYS A 163 -4.81 10.19 0.61
C LYS A 163 -5.37 11.39 -0.15
N ALA A 164 -4.67 12.50 0.03
CA ALA A 164 -4.96 13.78 -0.60
C ALA A 164 -4.01 13.92 -1.77
N PHE A 165 -4.31 13.23 -2.88
CA PHE A 165 -3.47 13.23 -4.11
C PHE A 165 -3.39 14.65 -4.65
N LYS A 166 -2.19 15.08 -4.99
CA LYS A 166 -2.03 16.30 -5.80
C LYS A 166 -2.62 16.03 -7.19
N VAL A 167 -3.42 16.96 -7.69
CA VAL A 167 -4.02 16.90 -9.05
C VAL A 167 -3.25 17.85 -9.96
N ILE A 168 -2.61 17.32 -11.01
CA ILE A 168 -1.73 18.09 -11.95
C ILE A 168 -2.62 19.09 -12.67
N GLY A 169 -2.42 20.38 -12.39
CA GLY A 169 -3.18 21.49 -12.99
C GLY A 169 -4.50 21.69 -12.29
N GLY A 170 -4.73 20.95 -11.20
CA GLY A 170 -5.89 21.11 -10.31
C GLY A 170 -5.44 21.37 -8.88
N ASN A 171 -6.23 20.91 -7.91
CA ASN A 171 -6.00 21.08 -6.45
C ASN A 171 -5.61 19.72 -5.84
N ARG A 172 -6.51 19.07 -5.10
CA ARG A 172 -6.23 17.79 -4.40
C ARG A 172 -7.42 16.87 -4.59
N GLN A 173 -7.18 15.57 -4.71
CA GLN A 173 -8.29 14.60 -4.86
C GLN A 173 -8.13 13.63 -3.70
N ILE A 174 -9.20 13.53 -2.90
CA ILE A 174 -9.28 12.64 -1.71
C ILE A 174 -9.68 11.26 -2.21
N ALA A 175 -8.90 10.26 -1.81
CA ALA A 175 -9.30 8.85 -1.92
C ALA A 175 -9.42 8.31 -0.49
N SER A 176 -10.60 7.80 -0.19
CA SER A 176 -10.98 7.23 1.11
C SER A 176 -10.67 5.73 1.08
N HIS A 177 -9.88 5.24 2.03
CA HIS A 177 -9.53 3.81 2.12
C HIS A 177 -10.14 3.21 3.39
N VAL A 178 -10.76 2.05 3.23
CA VAL A 178 -11.18 1.11 4.31
CA VAL A 178 -11.10 1.15 4.38
C VAL A 178 -10.26 -0.11 4.18
N GLN A 179 -9.56 -0.55 5.22
CA GLN A 179 -8.67 -1.74 5.05
C GLN A 179 -8.99 -2.76 6.14
N THR A 180 -8.70 -4.02 5.82
CA THR A 180 -8.64 -5.12 6.79
C THR A 180 -7.34 -5.90 6.58
N GLN A 181 -6.82 -6.49 7.64
CA GLN A 181 -5.69 -7.43 7.54
C GLN A 181 -6.08 -8.62 8.41
N THR A 182 -5.96 -9.80 7.83
CA THR A 182 -6.27 -11.10 8.47
CA THR A 182 -6.28 -11.11 8.44
C THR A 182 -5.08 -12.04 8.26
N PRO A 183 -4.65 -12.80 9.29
CA PRO A 183 -3.53 -13.72 9.14
C PRO A 183 -3.81 -14.82 8.09
N ILE A 184 -2.81 -15.21 7.29
CA ILE A 184 -2.92 -16.36 6.33
C ILE A 184 -2.82 -17.67 7.11
N GLY A 185 -2.06 -17.72 8.21
CA GLY A 185 -1.83 -18.98 8.94
C GLY A 185 -2.64 -19.05 10.21
N ASP A 186 -2.43 -20.13 10.97
CA ASP A 186 -3.13 -20.46 12.24
C ASP A 186 -2.22 -20.12 13.44
N GLY A 187 -1.01 -19.59 13.21
CA GLY A 187 -0.06 -19.23 14.29
C GLY A 187 -0.58 -18.12 15.18
N LEU A 188 0.04 -17.89 16.34
CA LEU A 188 -0.37 -16.83 17.30
C LEU A 188 -0.09 -15.46 16.68
N VAL A 189 -1.04 -14.55 16.72
CA VAL A 189 -0.86 -13.18 16.14
C VAL A 189 -1.03 -12.16 17.25
N SER A 190 -0.47 -10.99 17.03
CA SER A 190 -0.40 -9.89 18.01
C SER A 190 -1.35 -8.80 17.54
N ILE A 191 -2.35 -8.47 18.36
CA ILE A 191 -3.44 -7.55 17.97
C ILE A 191 -3.24 -6.23 18.71
N PRO A 192 -3.09 -5.11 18.00
CA PRO A 192 -2.88 -3.82 18.66
C PRO A 192 -4.18 -3.10 19.02
N ASP A 193 -4.09 -2.07 19.86
CA ASP A 193 -5.20 -1.09 19.97
C ASP A 193 -4.91 0.04 18.98
N TYR A 194 -5.82 1.01 18.90
CA TYR A 194 -5.76 2.13 17.95
C TYR A 194 -4.40 2.81 18.00
N HIS A 195 -3.77 2.93 16.86
CA HIS A 195 -2.61 3.83 16.66
C HIS A 195 -2.62 4.24 15.19
N VAL A 196 -1.60 4.99 14.79
CA VAL A 196 -1.50 5.53 13.41
C VAL A 196 -0.12 5.21 12.88
N MET A 197 -0.05 5.20 11.55
CA MET A 197 1.20 5.25 10.80
C MET A 197 1.34 6.63 10.18
N HIS A 198 2.49 7.26 10.40
CA HIS A 198 2.97 8.42 9.62
C HIS A 198 3.79 7.86 8.46
N ASN A 199 3.22 7.93 7.25
CA ASN A 199 3.86 7.36 6.06
C ASN A 199 4.22 8.47 5.09
N HIS A 200 5.32 8.30 4.37
CA HIS A 200 5.78 9.24 3.33
C HIS A 200 6.00 8.43 2.04
N ILE A 201 5.52 8.99 0.93
CA ILE A 201 5.81 8.53 -0.46
C ILE A 201 6.54 9.64 -1.21
N ALA A 202 7.62 9.26 -1.91
CA ALA A 202 8.22 10.06 -3.00
C ALA A 202 8.26 9.20 -4.26
N CYS A 203 7.60 9.64 -5.33
CA CYS A 203 7.56 8.92 -6.64
C CYS A 203 8.42 9.70 -7.63
N SER A 204 9.14 9.00 -8.48
CA SER A 204 10.02 9.58 -9.51
C SER A 204 10.05 8.64 -10.71
N LYS A 205 10.47 9.15 -11.86
CA LYS A 205 10.66 8.40 -13.12
C LYS A 205 12.15 8.43 -13.46
N ASP A 206 12.69 7.30 -13.92
CA ASP A 206 14.04 7.24 -14.51
C ASP A 206 13.92 7.74 -15.95
N PRO A 207 14.52 8.91 -16.29
CA PRO A 207 14.45 9.43 -17.65
C PRO A 207 15.20 8.46 -18.61
N SER A 208 16.18 7.70 -18.10
CA SER A 208 16.94 6.66 -18.84
C SER A 208 16.01 5.50 -19.21
N GLU A 209 15.15 5.08 -18.29
CA GLU A 209 14.24 3.91 -18.48
C GLU A 209 13.30 4.23 -19.64
N THR A 210 13.02 3.25 -20.48
CA THR A 210 12.17 3.36 -21.68
C THR A 210 10.80 2.71 -21.45
N ARG A 211 10.67 1.75 -20.51
CA ARG A 211 9.38 1.08 -20.21
C ARG A 211 8.53 1.96 -19.29
N ASP A 212 7.21 1.72 -19.26
N ASP A 212 7.22 1.71 -19.26
CA ASP A 212 6.26 2.39 -18.35
CA ASP A 212 6.25 2.36 -18.35
C ASP A 212 6.55 1.88 -16.94
C ASP A 212 6.56 1.87 -16.93
N HIS A 213 6.93 2.79 -16.03
CA HIS A 213 7.47 2.45 -14.69
C HIS A 213 7.30 3.63 -13.73
N ILE A 214 7.53 3.39 -12.44
CA ILE A 214 7.61 4.45 -11.40
C ILE A 214 8.49 3.93 -10.27
N ILE A 215 9.30 4.81 -9.72
CA ILE A 215 10.21 4.51 -8.58
C ILE A 215 9.60 5.15 -7.36
N VAL A 216 9.47 4.35 -6.30
CA VAL A 216 8.76 4.71 -5.05
C VAL A 216 9.72 4.54 -3.88
N LYS A 217 9.85 5.58 -3.07
CA LYS A 217 10.45 5.49 -1.73
C LYS A 217 9.36 5.77 -0.70
N GLU A 218 9.24 4.89 0.30
CA GLU A 218 8.32 5.11 1.43
C GLU A 218 9.14 5.17 2.73
N SER A 219 8.71 6.05 3.63
CA SER A 219 8.91 5.98 5.08
C SER A 219 7.63 5.52 5.78
N LEU A 220 7.78 4.66 6.79
CA LEU A 220 6.67 4.04 7.57
C LEU A 220 7.04 4.04 9.03
N ARG A 221 6.30 4.77 9.87
CA ARG A 221 6.48 4.72 11.33
C ARG A 221 5.13 4.56 12.00
N ALA A 222 5.05 3.57 12.88
CA ALA A 222 3.94 3.38 13.82
C ALA A 222 4.10 4.40 14.95
N VAL A 223 3.01 5.04 15.31
CA VAL A 223 2.95 6.22 16.23
C VAL A 223 1.85 5.96 17.25
N ASP A 224 2.21 6.04 18.53
CA ASP A 224 1.27 6.03 19.68
C ASP A 224 0.73 7.45 19.79
N CYS A 225 -0.17 7.80 18.86
CA CYS A 225 -0.71 9.18 18.71
C CYS A 225 -1.41 9.60 20.01
N ASN A 226 -1.97 8.62 20.73
CA ASN A 226 -2.70 8.89 22.01
C ASN A 226 -1.75 9.54 22.99
N THR A 227 -0.43 9.32 22.84
CA THR A 227 0.63 9.92 23.69
C THR A 227 1.35 11.01 22.89
N GLU A 228 1.76 10.70 21.67
CA GLU A 228 2.69 11.58 20.89
C GLU A 228 1.99 12.88 20.46
N TYR A 229 0.65 12.91 20.30
CA TYR A 229 -0.10 14.12 19.89
C TYR A 229 -0.37 15.08 21.05
N MET A 230 -0.13 14.66 22.31
CA MET A 230 -0.35 15.49 23.53
C MET A 230 0.58 16.71 23.47
#